data_8RBJ
#
_entry.id   8RBJ
#
_cell.length_a   51.560
_cell.length_b   75.360
_cell.length_c   124.560
_cell.angle_alpha   90.000
_cell.angle_beta   90.000
_cell.angle_gamma   90.000
#
_symmetry.space_group_name_H-M   'P 21 21 21'
#
loop_
_entity.id
_entity.type
_entity.pdbx_description
1 polymer 'tRNA ligase'
2 polymer RNA
3 non-polymer 'ADENOSINE MONOPHOSPHATE'
4 water water
#
loop_
_entity_poly.entity_id
_entity_poly.type
_entity_poly.pdbx_seq_one_letter_code
_entity_poly.pdbx_strand_id
1 'polypeptide(L)'
;MGSSHHHHHHSSGLVPRGSHMDGTAEKQRDSLASRYKASTDYAKDAEGLTAPYVSQDPQETAALVRALDDAAKKGKKSGG
FSVKKTRYAVASSPTGAEVDSWRFNDWDYKKPDLPTYARGLFTTRTQHGVPEIAVRGYDKFFNIDETRDTAWSAIRERTK
GPYELTLKENGCIIFISGLEDGTLLVCSKHSTGDRSDVALSHSSAGEKHLEAQLERIGKTKEELARELRKRNATAVAELC
DDSFEEHILAYGPDKAGLYLHGINLNIPEFITYPSPLVQKFAEDWGFRKTGLIIIDNIDDVKAFLEEVAETGAHDGRDVE
GFVIRCKKSTNPGVGPYHDWFFKYKFEEPYLMYRQWRECTKALISGKQPKIKKHVKITEEYLLYARKRLAADPKLAKLYN
QNHGIIKLRNDFLEYKNMKGTDAANLEDDGAASV
;
A
2 'polyribonucleotide' AUCUGGA C,B
#
loop_
_chem_comp.id
_chem_comp.type
_chem_comp.name
_chem_comp.formula
A RNA linking ADENOSINE-5'-MONOPHOSPHATE 'C10 H14 N5 O7 P'
AMP non-polymer 'ADENOSINE MONOPHOSPHATE' 'C10 H14 N5 O7 P'
C RNA linking CYTIDINE-5'-MONOPHOSPHATE 'C9 H14 N3 O8 P'
G RNA linking GUANOSINE-5'-MONOPHOSPHATE 'C10 H14 N5 O8 P'
U RNA linking URIDINE-5'-MONOPHOSPHATE 'C9 H13 N2 O9 P'
#
# COMPACT_ATOMS: atom_id res chain seq x y z
N SER A 31 13.24 -21.03 13.31
CA SER A 31 14.64 -20.70 13.13
C SER A 31 14.81 -19.78 11.93
N LEU A 32 14.03 -20.04 10.87
CA LEU A 32 14.09 -19.20 9.68
C LEU A 32 13.68 -17.77 9.98
N ALA A 33 12.75 -17.57 10.91
CA ALA A 33 12.39 -16.21 11.30
C ALA A 33 13.50 -15.53 12.09
N SER A 34 14.52 -16.28 12.54
CA SER A 34 15.68 -15.75 13.23
C SER A 34 16.92 -15.61 12.36
N ARG A 35 16.99 -16.30 11.22
CA ARG A 35 18.08 -16.12 10.27
C ARG A 35 17.77 -15.07 9.20
N TYR A 36 16.49 -14.80 8.95
CA TYR A 36 16.07 -13.78 8.00
C TYR A 36 15.50 -12.59 8.79
N LYS A 37 16.03 -11.40 8.53
CA LYS A 37 15.60 -10.18 9.21
C LYS A 37 15.32 -9.10 8.17
N ALA A 38 14.23 -8.39 8.33
CA ALA A 38 13.91 -7.29 7.42
C ALA A 38 14.88 -6.14 7.67
N SER A 39 15.48 -5.66 6.59
CA SER A 39 16.52 -4.65 6.65
C SER A 39 16.16 -3.46 5.76
N THR A 40 16.57 -2.28 6.20
CA THR A 40 16.47 -1.07 5.39
C THR A 40 17.84 -0.57 4.93
N ASP A 41 18.77 -1.49 4.67
CA ASP A 41 20.13 -1.11 4.29
C ASP A 41 20.59 -1.80 3.02
N TYR A 42 19.67 -1.97 2.07
CA TYR A 42 20.03 -2.53 0.78
C TYR A 42 20.43 -1.48 -0.24
N ALA A 43 20.36 -0.19 0.11
CA ALA A 43 20.70 0.87 -0.83
C ALA A 43 22.15 0.79 -1.26
N LYS A 44 23.05 0.42 -0.34
CA LYS A 44 24.46 0.28 -0.67
C LYS A 44 24.71 -0.81 -1.69
N ASP A 45 23.82 -1.80 -1.77
CA ASP A 45 23.91 -2.87 -2.74
C ASP A 45 23.30 -2.50 -4.10
N ALA A 46 22.85 -1.27 -4.27
CA ALA A 46 22.27 -0.85 -5.53
C ALA A 46 23.29 -0.24 -6.49
N GLU A 47 24.54 -0.10 -6.07
CA GLU A 47 25.54 0.53 -6.92
C GLU A 47 25.74 -0.25 -8.23
N GLY A 48 25.74 -1.58 -8.16
CA GLY A 48 25.90 -2.37 -9.38
C GLY A 48 24.63 -2.55 -10.19
N LEU A 49 23.47 -2.26 -9.62
CA LEU A 49 22.19 -2.49 -10.28
C LEU A 49 21.80 -1.28 -11.15
N THR A 50 21.12 -1.57 -12.26
CA THR A 50 20.69 -0.53 -13.17
C THR A 50 19.16 -0.47 -13.22
N ALA A 51 18.63 0.75 -13.22
CA ALA A 51 17.19 0.97 -13.13
C ALA A 51 16.52 0.67 -14.46
N PRO A 52 15.35 0.06 -14.46
CA PRO A 52 14.63 -0.16 -15.71
C PRO A 52 14.09 1.13 -16.27
N TYR A 53 14.06 1.22 -17.59
CA TYR A 53 13.55 2.42 -18.23
C TYR A 53 12.94 2.04 -19.58
N VAL A 54 11.78 2.60 -19.88
CA VAL A 54 11.09 2.38 -21.15
C VAL A 54 10.30 3.65 -21.44
N SER A 55 10.41 4.17 -22.66
CA SER A 55 9.66 5.38 -22.93
C SER A 55 8.24 5.02 -23.36
N GLN A 56 7.36 6.03 -23.37
CA GLN A 56 5.94 5.85 -23.71
C GLN A 56 5.73 5.95 -25.22
N ASP A 57 4.88 5.05 -25.74
CA ASP A 57 4.47 5.10 -27.14
C ASP A 57 3.10 5.75 -27.21
N PRO A 58 2.96 6.90 -27.87
CA PRO A 58 1.63 7.54 -27.94
C PRO A 58 0.57 6.68 -28.61
N GLN A 59 0.95 5.87 -29.60
CA GLN A 59 -0.01 4.96 -30.22
C GLN A 59 -0.53 3.94 -29.22
N GLU A 60 0.36 3.32 -28.45
CA GLU A 60 -0.08 2.33 -27.47
C GLU A 60 -0.94 2.97 -26.37
N THR A 61 -0.55 4.15 -25.89
CA THR A 61 -1.37 4.83 -24.90
C THR A 61 -2.75 5.17 -25.45
N ALA A 62 -2.80 5.72 -26.67
CA ALA A 62 -4.08 6.04 -27.29
C ALA A 62 -4.97 4.82 -27.43
N ALA A 63 -4.38 3.67 -27.78
CA ALA A 63 -5.16 2.45 -27.93
C ALA A 63 -5.69 1.97 -26.58
N LEU A 64 -4.89 2.09 -25.52
CA LEU A 64 -5.39 1.80 -24.18
C LEU A 64 -6.58 2.67 -23.82
N VAL A 65 -6.47 3.99 -24.05
CA VAL A 65 -7.52 4.90 -23.66
C VAL A 65 -8.77 4.67 -24.49
N ARG A 66 -8.61 4.25 -25.75
CA ARG A 66 -9.77 3.91 -26.57
C ARG A 66 -10.52 2.71 -25.97
N ALA A 67 -9.78 1.70 -25.52
CA ALA A 67 -10.41 0.56 -24.85
C ALA A 67 -11.21 1.02 -23.64
N LEU A 68 -10.57 1.78 -22.75
CA LEU A 68 -11.22 2.20 -21.51
C LEU A 68 -12.38 3.17 -21.74
N ASP A 69 -12.26 4.09 -22.70
CA ASP A 69 -13.36 5.01 -22.98
C ASP A 69 -14.60 4.28 -23.48
N ASP A 70 -14.43 3.17 -24.22
CA ASP A 70 -15.60 2.43 -24.67
C ASP A 70 -16.26 1.69 -23.50
N ALA A 71 -15.45 1.14 -22.59
CA ALA A 71 -15.99 0.36 -21.49
C ALA A 71 -16.73 1.24 -20.48
N ALA A 72 -16.30 2.50 -20.33
CA ALA A 72 -17.04 3.41 -19.47
C ALA A 72 -18.36 3.84 -20.10
N LYS A 73 -18.52 3.64 -21.41
CA LYS A 73 -19.78 3.96 -22.07
C LYS A 73 -20.73 2.78 -22.17
N LYS A 74 -20.29 1.56 -21.86
CA LYS A 74 -21.20 0.42 -21.85
C LYS A 74 -22.24 0.55 -20.74
N GLY A 75 -21.96 1.38 -19.73
CA GLY A 75 -22.93 1.72 -18.71
C GLY A 75 -23.22 3.21 -18.71
N PHE A 81 -17.16 -6.42 -17.41
CA PHE A 81 -16.04 -5.50 -17.50
C PHE A 81 -16.50 -4.04 -17.42
N SER A 82 -16.74 -3.55 -16.21
CA SER A 82 -17.19 -2.18 -16.00
C SER A 82 -16.02 -1.26 -15.63
N VAL A 83 -16.07 -0.01 -16.12
CA VAL A 83 -15.02 0.99 -15.86
C VAL A 83 -15.68 2.33 -15.52
N LYS A 84 -15.17 3.00 -14.49
CA LYS A 84 -15.59 4.35 -14.11
C LYS A 84 -14.49 5.36 -14.39
N LYS A 85 -14.83 6.44 -15.09
CA LYS A 85 -13.86 7.47 -15.47
C LYS A 85 -14.17 8.77 -14.73
N THR A 86 -13.17 9.34 -14.04
CA THR A 86 -13.32 10.61 -13.36
C THR A 86 -12.19 11.55 -13.76
N ARG A 87 -12.56 12.75 -14.23
CA ARG A 87 -11.62 13.77 -14.66
C ARG A 87 -11.36 14.75 -13.52
N TYR A 88 -10.09 15.09 -13.32
CA TYR A 88 -9.63 15.99 -12.27
C TYR A 88 -8.75 17.06 -12.90
N ALA A 89 -8.91 18.31 -12.44
CA ALA A 89 -7.96 19.37 -12.74
C ALA A 89 -6.81 19.29 -11.77
N VAL A 90 -5.59 19.53 -12.27
CA VAL A 90 -4.39 19.55 -11.44
C VAL A 90 -4.19 21.00 -11.02
N ALA A 91 -4.46 21.29 -9.75
CA ALA A 91 -4.50 22.69 -9.30
C ALA A 91 -3.15 23.40 -9.49
N SER A 92 -2.05 22.70 -9.21
CA SER A 92 -0.73 23.33 -9.25
C SER A 92 -0.10 23.35 -10.64
N SER A 93 -0.86 23.05 -11.67
CA SER A 93 -0.29 22.96 -13.02
C SER A 93 -0.28 24.32 -13.68
N PRO A 94 0.87 24.82 -14.16
CA PRO A 94 0.85 26.13 -14.84
C PRO A 94 0.13 26.12 -16.19
N THR A 95 -0.11 24.95 -16.80
CA THR A 95 -0.74 24.85 -18.11
C THR A 95 -2.18 24.34 -18.05
N GLY A 96 -2.79 24.27 -16.88
CA GLY A 96 -4.13 23.73 -16.74
C GLY A 96 -4.28 22.24 -17.05
N ALA A 97 -3.27 21.43 -16.74
CA ALA A 97 -3.35 20.01 -17.02
C ALA A 97 -4.52 19.36 -16.30
N GLU A 98 -5.08 18.32 -16.94
CA GLU A 98 -6.13 17.49 -16.36
C GLU A 98 -5.74 16.01 -16.44
N VAL A 99 -6.34 15.20 -15.57
CA VAL A 99 -6.04 13.76 -15.55
C VAL A 99 -7.34 12.98 -15.47
N ASP A 100 -7.37 11.82 -16.13
CA ASP A 100 -8.47 10.88 -16.07
C ASP A 100 -8.07 9.71 -15.18
N SER A 101 -8.83 9.50 -14.12
CA SER A 101 -8.67 8.36 -13.24
C SER A 101 -9.62 7.24 -13.69
N TRP A 102 -9.11 6.01 -13.75
CA TRP A 102 -9.88 4.86 -14.23
C TRP A 102 -9.96 3.80 -13.14
N ARG A 103 -11.19 3.42 -12.76
CA ARG A 103 -11.43 2.48 -11.66
C ARG A 103 -12.16 1.25 -12.17
N PHE A 104 -11.71 0.07 -11.75
CA PHE A 104 -12.34 -1.21 -12.05
C PHE A 104 -12.99 -1.80 -10.80
N ASN A 105 -13.83 -2.82 -11.03
CA ASN A 105 -14.23 -3.71 -9.95
C ASN A 105 -13.08 -4.63 -9.62
N ASP A 106 -12.78 -4.79 -8.32
CA ASP A 106 -11.64 -5.60 -7.91
C ASP A 106 -11.70 -7.02 -8.44
N TRP A 107 -12.89 -7.57 -8.64
CA TRP A 107 -12.99 -8.93 -9.16
C TRP A 107 -12.80 -8.99 -10.66
N ASP A 108 -13.05 -7.88 -11.36
CA ASP A 108 -12.84 -7.85 -12.80
C ASP A 108 -11.42 -8.29 -13.16
N TYR A 109 -10.45 -8.02 -12.29
CA TYR A 109 -9.05 -8.36 -12.56
C TYR A 109 -8.79 -9.86 -12.62
N LYS A 110 -9.78 -10.70 -12.29
CA LYS A 110 -9.62 -12.13 -12.50
C LYS A 110 -9.96 -12.53 -13.93
N LYS A 111 -10.68 -11.69 -14.66
CA LYS A 111 -11.03 -11.98 -16.05
C LYS A 111 -9.78 -12.03 -16.91
N PRO A 112 -9.82 -12.76 -18.04
CA PRO A 112 -8.60 -13.03 -18.80
C PRO A 112 -8.07 -11.89 -19.69
N ASP A 113 -8.90 -11.13 -20.43
CA ASP A 113 -8.33 -10.21 -21.44
C ASP A 113 -8.77 -8.76 -21.22
N LEU A 114 -8.27 -8.15 -20.17
CA LEU A 114 -8.55 -6.75 -19.93
C LEU A 114 -7.52 -5.88 -20.64
N PRO A 115 -7.86 -4.61 -20.90
CA PRO A 115 -6.86 -3.70 -21.49
C PRO A 115 -5.65 -3.48 -20.61
N THR A 116 -5.83 -3.48 -19.30
CA THR A 116 -4.74 -3.27 -18.37
C THR A 116 -5.15 -3.83 -17.00
N TYR A 117 -4.16 -4.31 -16.25
CA TYR A 117 -4.38 -4.84 -14.91
C TYR A 117 -3.85 -3.92 -13.82
N ALA A 118 -3.52 -2.68 -14.19
CA ALA A 118 -3.15 -1.67 -13.22
C ALA A 118 -4.32 -1.34 -12.30
N ARG A 119 -3.99 -1.16 -11.01
CA ARG A 119 -4.93 -0.72 -9.98
C ARG A 119 -4.44 0.64 -9.52
N GLY A 120 -5.13 1.69 -9.95
CA GLY A 120 -4.54 3.02 -9.93
C GLY A 120 -4.04 3.35 -11.33
N LEU A 121 -4.75 4.23 -12.03
CA LEU A 121 -4.41 4.57 -13.41
C LEU A 121 -4.95 5.95 -13.75
N PHE A 122 -4.05 6.91 -14.00
CA PHE A 122 -4.39 8.27 -14.40
C PHE A 122 -3.72 8.58 -15.74
N THR A 123 -4.49 9.07 -16.72
CA THR A 123 -3.97 9.42 -18.02
C THR A 123 -4.18 10.91 -18.29
N THR A 124 -3.43 11.46 -19.24
CA THR A 124 -3.47 12.90 -19.49
C THR A 124 -3.03 13.19 -20.92
N ARG A 125 -3.19 14.45 -21.32
CA ARG A 125 -2.63 14.96 -22.56
C ARG A 125 -1.74 16.15 -22.23
N THR A 126 -0.53 16.15 -22.79
CA THR A 126 0.38 17.27 -22.55
C THR A 126 -0.07 18.49 -23.33
N GLN A 127 0.56 19.63 -23.02
CA GLN A 127 0.28 20.90 -23.68
C GLN A 127 0.57 20.85 -25.17
N HIS A 128 1.41 19.92 -25.62
CA HIS A 128 1.62 19.68 -27.04
C HIS A 128 0.70 18.59 -27.60
N GLY A 129 -0.31 18.18 -26.85
CA GLY A 129 -1.32 17.25 -27.34
C GLY A 129 -0.96 15.77 -27.35
N VAL A 130 0.06 15.34 -26.60
CA VAL A 130 0.50 13.94 -26.62
C VAL A 130 -0.19 13.21 -25.47
N PRO A 131 -0.92 12.14 -25.75
CA PRO A 131 -1.58 11.37 -24.67
C PRO A 131 -0.56 10.50 -23.94
N GLU A 132 -0.61 10.52 -22.61
CA GLU A 132 0.39 9.86 -21.79
C GLU A 132 -0.25 9.23 -20.56
N ILE A 133 0.41 8.19 -20.02
CA ILE A 133 0.08 7.70 -18.69
C ILE A 133 0.76 8.59 -17.66
N ALA A 134 -0.04 9.17 -16.77
CA ALA A 134 0.52 10.05 -15.77
C ALA A 134 0.86 9.32 -14.48
N VAL A 135 0.13 8.24 -14.16
CA VAL A 135 0.28 7.50 -12.91
C VAL A 135 -0.08 6.06 -13.14
N ARG A 136 0.82 5.14 -12.82
CA ARG A 136 0.52 3.71 -12.95
C ARG A 136 0.81 2.98 -11.64
N GLY A 137 -0.25 2.53 -10.97
CA GLY A 137 -0.07 1.72 -9.78
C GLY A 137 0.35 0.30 -10.13
N TYR A 138 0.52 -0.52 -9.08
CA TYR A 138 0.82 -1.94 -9.29
C TYR A 138 -0.34 -2.63 -10.00
N ASP A 139 -0.03 -3.72 -10.67
CA ASP A 139 -1.08 -4.66 -11.07
C ASP A 139 -1.82 -5.14 -9.83
N LYS A 140 -3.13 -5.34 -9.97
CA LYS A 140 -3.89 -5.98 -8.92
C LYS A 140 -3.22 -7.31 -8.51
N PHE A 141 -3.01 -7.50 -7.22
CA PHE A 141 -2.45 -8.76 -6.76
C PHE A 141 -3.28 -9.32 -5.62
N PHE A 142 -3.21 -10.64 -5.45
CA PHE A 142 -4.17 -11.38 -4.65
C PHE A 142 -3.49 -12.14 -3.53
N ASN A 143 -4.32 -12.60 -2.59
CA ASN A 143 -3.92 -13.44 -1.48
C ASN A 143 -3.68 -14.88 -1.93
N ILE A 144 -2.98 -15.62 -1.08
CA ILE A 144 -2.86 -17.06 -1.25
C ILE A 144 -4.24 -17.68 -1.38
N ASP A 145 -4.41 -18.57 -2.36
CA ASP A 145 -5.62 -19.35 -2.60
C ASP A 145 -6.84 -18.49 -2.85
N GLU A 146 -6.64 -17.25 -3.28
CA GLU A 146 -7.73 -16.41 -3.75
C GLU A 146 -8.00 -16.59 -5.23
N THR A 147 -6.98 -16.98 -5.99
CA THR A 147 -7.08 -17.25 -7.41
C THR A 147 -6.32 -18.52 -7.74
N ARG A 148 -6.52 -19.02 -8.95
CA ARG A 148 -5.78 -20.21 -9.37
C ARG A 148 -4.29 -19.95 -9.34
N ASP A 149 -3.87 -18.76 -9.77
CA ASP A 149 -2.44 -18.44 -9.82
C ASP A 149 -1.80 -18.31 -8.45
N THR A 150 -2.58 -18.12 -7.39
CA THR A 150 -1.99 -17.91 -6.07
C THR A 150 -2.15 -19.13 -5.17
N ALA A 151 -2.46 -20.29 -5.74
CA ALA A 151 -2.32 -21.55 -5.02
C ALA A 151 -0.83 -21.86 -4.89
N TRP A 152 -0.41 -22.29 -3.69
CA TRP A 152 1.00 -22.55 -3.44
C TRP A 152 1.64 -23.46 -4.47
N SER A 153 0.88 -24.43 -5.01
CA SER A 153 1.44 -25.30 -6.04
C SER A 153 1.72 -24.53 -7.32
N ALA A 154 0.86 -23.56 -7.65
CA ALA A 154 1.08 -22.75 -8.84
C ALA A 154 2.28 -21.82 -8.68
N ILE A 155 2.54 -21.34 -7.47
CA ILE A 155 3.65 -20.40 -7.28
C ILE A 155 4.99 -21.11 -7.47
N ARG A 156 5.14 -22.31 -6.88
CA ARG A 156 6.33 -23.12 -7.13
C ARG A 156 6.52 -23.39 -8.61
N GLU A 157 5.44 -23.71 -9.32
CA GLU A 157 5.56 -24.09 -10.73
C GLU A 157 5.92 -22.89 -11.60
N ARG A 158 5.12 -21.82 -11.56
CA ARG A 158 5.21 -20.77 -12.58
C ARG A 158 6.15 -19.63 -12.25
N THR A 159 6.71 -19.56 -11.04
CA THR A 159 7.51 -18.40 -10.70
C THR A 159 8.99 -18.77 -10.57
N LYS A 160 9.84 -17.77 -10.71
CA LYS A 160 11.27 -17.90 -10.44
C LYS A 160 11.72 -16.82 -9.47
N GLY A 161 12.73 -17.17 -8.67
CA GLY A 161 13.29 -16.26 -7.71
C GLY A 161 14.40 -15.42 -8.30
N PRO A 162 15.15 -14.69 -7.44
CA PRO A 162 15.02 -14.57 -5.98
C PRO A 162 13.69 -13.97 -5.57
N TYR A 163 13.28 -14.17 -4.34
CA TYR A 163 12.00 -13.66 -3.88
C TYR A 163 12.24 -12.48 -2.95
N GLU A 164 11.59 -11.36 -3.24
CA GLU A 164 11.64 -10.19 -2.35
C GLU A 164 10.40 -10.22 -1.46
N LEU A 165 10.62 -10.31 -0.17
CA LEU A 165 9.56 -10.15 0.81
C LEU A 165 9.66 -8.72 1.33
N THR A 166 8.69 -7.90 0.99
CA THR A 166 8.65 -6.52 1.44
C THR A 166 7.62 -6.40 2.55
N LEU A 167 7.99 -5.76 3.66
CA LEU A 167 7.08 -5.57 4.79
C LEU A 167 5.89 -4.74 4.36
N LYS A 168 4.70 -5.20 4.72
CA LYS A 168 3.47 -4.55 4.30
C LYS A 168 3.05 -3.57 5.38
N GLU A 169 3.42 -2.30 5.19
CA GLU A 169 2.95 -1.23 6.04
C GLU A 169 1.49 -0.93 5.72
N ASN A 170 0.79 -0.33 6.67
CA ASN A 170 -0.67 -0.32 6.65
C ASN A 170 -1.20 1.09 6.87
N GLY A 171 -1.67 1.71 5.79
CA GLY A 171 -2.25 3.04 5.77
C GLY A 171 -3.06 3.21 4.50
N CYS A 172 -2.80 4.25 3.70
CA CYS A 172 -3.42 4.38 2.39
C CYS A 172 -2.36 4.65 1.33
N ILE A 173 -2.61 4.20 0.10
CA ILE A 173 -1.61 4.29 -0.95
C ILE A 173 -1.52 5.73 -1.47
N ILE A 174 -0.31 6.16 -1.81
CA ILE A 174 -0.05 7.48 -2.40
C ILE A 174 0.82 7.29 -3.63
N PHE A 175 0.40 7.85 -4.76
CA PHE A 175 1.16 7.85 -5.99
C PHE A 175 1.77 9.22 -6.23
N ILE A 176 3.00 9.25 -6.77
CA ILE A 176 3.68 10.50 -7.08
C ILE A 176 4.33 10.38 -8.45
N SER A 177 4.08 11.35 -9.33
CA SER A 177 4.77 11.40 -10.62
C SER A 177 4.96 12.84 -11.07
N GLY A 178 5.62 12.98 -12.20
CA GLY A 178 5.96 14.29 -12.76
C GLY A 178 5.34 14.51 -14.14
N LEU A 179 4.60 15.60 -14.27
CA LEU A 179 3.99 15.95 -15.55
C LEU A 179 4.97 16.66 -16.48
N GLU A 180 4.58 16.74 -17.75
CA GLU A 180 5.48 17.28 -18.77
C GLU A 180 5.80 18.75 -18.52
N ASP A 181 4.87 19.50 -17.93
CA ASP A 181 5.10 20.91 -17.65
C ASP A 181 5.84 21.15 -16.32
N GLY A 182 6.36 20.10 -15.69
CA GLY A 182 7.11 20.25 -14.46
C GLY A 182 6.30 20.15 -13.18
N THR A 183 4.99 19.94 -13.27
CA THR A 183 4.17 19.86 -12.09
C THR A 183 4.33 18.52 -11.38
N LEU A 184 4.43 18.55 -10.07
CA LEU A 184 4.44 17.30 -9.29
C LEU A 184 3.01 16.85 -9.04
N LEU A 185 2.67 15.64 -9.48
CA LEU A 185 1.33 15.08 -9.30
C LEU A 185 1.33 14.12 -8.12
N VAL A 186 0.45 14.36 -7.16
CA VAL A 186 0.26 13.49 -6.00
C VAL A 186 -1.20 13.04 -5.97
N CYS A 187 -1.41 11.73 -5.96
CA CYS A 187 -2.74 11.15 -6.01
C CYS A 187 -2.90 10.16 -4.88
N SER A 188 -4.15 9.93 -4.49
CA SER A 188 -4.45 8.72 -3.74
C SER A 188 -4.80 7.64 -4.76
N LYS A 189 -5.35 6.52 -4.30
CA LYS A 189 -5.60 5.39 -5.19
C LYS A 189 -6.36 5.78 -6.44
N HIS A 190 -7.46 6.52 -6.29
CA HIS A 190 -8.27 6.86 -7.44
C HIS A 190 -8.57 8.35 -7.59
N SER A 191 -8.04 9.20 -6.71
CA SER A 191 -8.45 10.59 -6.68
C SER A 191 -7.22 11.50 -6.53
N THR A 192 -7.43 12.79 -6.75
CA THR A 192 -6.44 13.83 -6.49
C THR A 192 -7.19 15.14 -6.24
N GLY A 193 -6.53 16.07 -5.57
CA GLY A 193 -7.16 17.33 -5.22
C GLY A 193 -7.88 17.27 -3.90
N ASP A 194 -8.67 18.30 -3.63
CA ASP A 194 -9.43 18.33 -2.39
C ASP A 194 -10.86 18.76 -2.69
N ARG A 195 -11.83 18.02 -2.17
CA ARG A 195 -13.23 18.41 -2.29
C ARG A 195 -13.68 19.16 -1.04
N SER A 196 -13.53 18.54 0.13
CA SER A 196 -13.96 19.15 1.38
C SER A 196 -13.07 20.33 1.75
N ASP A 197 -13.71 21.45 2.09
CA ASP A 197 -13.01 22.57 2.68
C ASP A 197 -12.71 22.32 4.15
N VAL A 198 -13.39 21.37 4.76
CA VAL A 198 -13.18 21.10 6.17
C VAL A 198 -12.11 20.03 6.33
N ALA A 199 -12.30 18.90 5.69
CA ALA A 199 -11.46 17.76 5.90
C ALA A 199 -10.43 17.66 4.78
N LEU A 200 -9.21 17.30 5.17
CA LEU A 200 -8.14 17.05 4.23
C LEU A 200 -8.37 15.71 3.55
N SER A 201 -8.38 15.70 2.23
CA SER A 201 -8.44 14.46 1.49
C SER A 201 -7.14 13.67 1.68
N HIS A 202 -7.20 12.36 1.37
CA HIS A 202 -6.02 11.53 1.53
C HIS A 202 -4.90 11.99 0.61
N SER A 203 -5.23 12.41 -0.61
CA SER A 203 -4.17 12.83 -1.53
C SER A 203 -3.51 14.11 -1.04
N SER A 204 -4.30 15.06 -0.50
CA SER A 204 -3.71 16.28 0.06
C SER A 204 -2.89 16.00 1.30
N ALA A 205 -3.32 15.05 2.14
CA ALA A 205 -2.52 14.74 3.32
C ALA A 205 -1.18 14.13 2.91
N GLY A 206 -1.18 13.29 1.87
CA GLY A 206 0.07 12.73 1.37
C GLY A 206 0.99 13.81 0.83
N GLU A 207 0.42 14.78 0.10
CA GLU A 207 1.19 15.89 -0.44
C GLU A 207 1.79 16.74 0.67
N LYS A 208 1.05 16.97 1.77
CA LYS A 208 1.60 17.77 2.86
C LYS A 208 2.76 17.05 3.54
N HIS A 209 2.66 15.73 3.69
CA HIS A 209 3.76 14.99 4.25
C HIS A 209 4.97 15.00 3.33
N LEU A 210 4.74 14.93 2.03
CA LEU A 210 5.84 15.02 1.06
C LEU A 210 6.49 16.40 1.12
N GLU A 211 5.69 17.46 1.24
CA GLU A 211 6.26 18.81 1.32
C GLU A 211 7.21 18.92 2.51
N ALA A 212 6.75 18.53 3.70
CA ALA A 212 7.60 18.58 4.89
C ALA A 212 8.82 17.69 4.74
N GLN A 213 8.70 16.59 4.00
CA GLN A 213 9.81 15.66 3.89
C GLN A 213 10.90 16.20 2.96
N LEU A 214 10.52 16.94 1.92
CA LEU A 214 11.51 17.52 1.01
C LEU A 214 12.17 18.75 1.61
N GLU A 215 11.40 19.61 2.29
CA GLU A 215 11.98 20.78 2.94
C GLU A 215 13.06 20.42 3.94
N ARG A 216 12.90 19.28 4.63
CA ARG A 216 13.89 18.81 5.60
C ARG A 216 15.26 18.64 4.95
N ILE A 217 15.29 18.16 3.71
CA ILE A 217 16.51 17.79 3.01
C ILE A 217 16.81 18.78 1.89
N GLY A 218 16.18 19.95 1.92
CA GLY A 218 16.44 21.00 0.95
C GLY A 218 16.21 20.61 -0.49
N LYS A 219 15.08 20.01 -0.79
CA LYS A 219 14.73 19.72 -2.17
C LYS A 219 13.31 20.22 -2.41
N THR A 220 12.97 20.39 -3.68
CA THR A 220 11.72 20.99 -4.04
C THR A 220 10.83 19.99 -4.77
N LYS A 221 9.54 20.29 -4.77
CA LYS A 221 8.60 19.52 -5.55
C LYS A 221 9.00 19.50 -7.02
N GLU A 222 9.44 20.64 -7.55
CA GLU A 222 9.83 20.68 -8.95
C GLU A 222 11.00 19.76 -9.24
N GLU A 223 11.97 19.70 -8.32
CA GLU A 223 13.09 18.78 -8.49
C GLU A 223 12.63 17.33 -8.53
N LEU A 224 11.75 16.92 -7.60
CA LEU A 224 11.25 15.56 -7.59
C LEU A 224 10.44 15.24 -8.84
N ALA A 225 9.65 16.21 -9.32
CA ALA A 225 8.87 16.00 -10.52
C ALA A 225 9.76 15.76 -11.74
N ARG A 226 10.87 16.50 -11.87
CA ARG A 226 11.72 16.32 -13.04
C ARG A 226 12.44 14.98 -13.00
N GLU A 227 12.85 14.53 -11.81
CA GLU A 227 13.51 13.23 -11.69
C GLU A 227 12.56 12.09 -12.06
N LEU A 228 11.32 12.14 -11.59
CA LEU A 228 10.40 11.05 -11.90
C LEU A 228 10.06 11.02 -13.38
N ARG A 229 9.85 12.20 -13.98
CA ARG A 229 9.59 12.25 -15.42
C ARG A 229 10.80 11.75 -16.23
N LYS A 230 12.01 12.10 -15.79
CA LYS A 230 13.21 11.56 -16.42
C LYS A 230 13.22 10.04 -16.41
N ARG A 231 12.80 9.41 -15.30
CA ARG A 231 12.69 7.96 -15.19
C ARG A 231 11.39 7.38 -15.78
N ASN A 232 10.47 8.22 -16.26
CA ASN A 232 9.15 7.81 -16.73
C ASN A 232 8.45 6.93 -15.68
N ALA A 233 8.45 7.41 -14.42
CA ALA A 233 8.10 6.57 -13.29
C ALA A 233 7.06 7.20 -12.37
N THR A 234 6.30 6.31 -11.72
CA THR A 234 5.47 6.62 -10.57
C THR A 234 6.16 6.06 -9.32
N ALA A 235 6.32 6.90 -8.32
CA ALA A 235 6.69 6.40 -7.00
C ALA A 235 5.42 6.04 -6.22
N VAL A 236 5.47 4.90 -5.51
CA VAL A 236 4.31 4.31 -4.85
C VAL A 236 4.63 4.24 -3.36
N ALA A 237 3.90 4.97 -2.55
CA ALA A 237 4.20 5.02 -1.11
C ALA A 237 2.95 4.77 -0.29
N GLU A 238 3.14 4.54 1.00
CA GLU A 238 2.06 4.39 1.97
C GLU A 238 2.11 5.55 2.97
N LEU A 239 0.99 6.26 3.08
CA LEU A 239 0.86 7.28 4.12
C LEU A 239 0.41 6.61 5.42
N CYS A 240 1.20 6.74 6.46
CA CYS A 240 0.90 6.16 7.78
C CYS A 240 1.09 7.25 8.81
N ASP A 241 0.01 7.63 9.48
CA ASP A 241 -0.01 8.78 10.39
C ASP A 241 -1.27 8.73 11.23
N ASP A 242 -1.17 8.38 12.50
CA ASP A 242 -2.37 8.25 13.31
C ASP A 242 -3.09 9.58 13.49
N SER A 243 -2.34 10.68 13.54
CA SER A 243 -2.97 11.99 13.65
C SER A 243 -3.88 12.28 12.48
N PHE A 244 -3.67 11.63 11.33
CA PHE A 244 -4.57 11.81 10.21
C PHE A 244 -5.69 10.77 10.23
N GLU A 245 -5.34 9.49 10.28
CA GLU A 245 -6.33 8.42 10.29
C GLU A 245 -5.72 7.20 10.95
N GLU A 246 -6.41 6.63 11.93
CA GLU A 246 -5.97 5.38 12.55
C GLU A 246 -6.38 4.19 11.70
N HIS A 247 -5.47 3.23 11.54
CA HIS A 247 -5.86 1.97 10.93
C HIS A 247 -5.72 0.82 11.90
N ILE A 248 -4.76 -0.07 11.70
CA ILE A 248 -4.62 -1.27 12.53
C ILE A 248 -3.44 -1.16 13.49
N LEU A 249 -2.25 -0.95 12.96
CA LEU A 249 -1.07 -0.74 13.78
C LEU A 249 -0.89 0.75 14.04
N ALA A 250 -0.23 1.05 15.16
CA ALA A 250 0.00 2.43 15.54
C ALA A 250 1.24 2.98 14.85
N TYR A 251 1.09 4.17 14.26
CA TYR A 251 2.19 4.95 13.69
C TYR A 251 2.15 6.31 14.39
N GLY A 252 2.83 6.40 15.54
CA GLY A 252 2.94 7.65 16.24
C GLY A 252 3.86 8.63 15.53
N PRO A 253 4.12 9.76 16.17
CA PRO A 253 4.98 10.79 15.55
C PRO A 253 6.35 10.27 15.09
N ASP A 254 6.96 9.36 15.85
CA ASP A 254 8.29 8.83 15.51
C ASP A 254 8.29 7.89 14.32
N LYS A 255 7.12 7.39 13.88
CA LYS A 255 7.05 6.44 12.79
C LYS A 255 6.17 6.95 11.66
N ALA A 256 5.66 8.17 11.77
CA ALA A 256 4.69 8.68 10.81
C ALA A 256 5.40 9.28 9.61
N GLY A 257 4.78 9.13 8.44
CA GLY A 257 5.25 9.76 7.22
C GLY A 257 4.99 8.86 6.03
N LEU A 258 5.70 9.14 4.94
CA LEU A 258 5.51 8.41 3.69
C LEU A 258 6.53 7.26 3.59
N TYR A 259 6.01 6.02 3.54
CA TYR A 259 6.83 4.83 3.36
C TYR A 259 6.87 4.45 1.89
N LEU A 260 8.03 4.59 1.26
CA LEU A 260 8.18 4.25 -0.14
C LEU A 260 8.31 2.74 -0.31
N HIS A 261 7.46 2.13 -1.14
CA HIS A 261 7.62 0.70 -1.39
C HIS A 261 7.69 0.30 -2.86
N GLY A 262 7.47 1.20 -3.81
CA GLY A 262 7.62 0.80 -5.20
C GLY A 262 7.85 1.96 -6.13
N ILE A 263 8.38 1.64 -7.29
CA ILE A 263 8.53 2.57 -8.41
C ILE A 263 8.16 1.80 -9.67
N ASN A 264 7.19 2.30 -10.42
CA ASN A 264 6.64 1.62 -11.59
C ASN A 264 6.87 2.47 -12.83
N LEU A 265 7.09 1.82 -13.97
CA LEU A 265 7.17 2.55 -15.22
C LEU A 265 5.76 2.92 -15.69
N ASN A 266 5.62 4.16 -16.18
CA ASN A 266 4.34 4.67 -16.66
C ASN A 266 4.10 4.17 -18.09
N ILE A 267 3.76 2.88 -18.17
CA ILE A 267 3.46 2.20 -19.43
C ILE A 267 2.33 1.21 -19.20
N PRO A 268 1.68 0.76 -20.29
CA PRO A 268 0.54 -0.17 -20.12
C PRO A 268 0.88 -1.49 -19.45
N GLU A 269 2.05 -2.08 -19.72
CA GLU A 269 2.43 -3.31 -19.02
C GLU A 269 3.13 -2.99 -17.68
N PHE A 270 3.33 -4.02 -16.85
CA PHE A 270 3.76 -3.85 -15.48
C PHE A 270 5.25 -4.13 -15.33
N ILE A 271 6.03 -3.08 -15.09
CA ILE A 271 7.47 -3.16 -14.85
C ILE A 271 7.78 -2.34 -13.60
N THR A 272 8.47 -2.94 -12.63
CA THR A 272 8.68 -2.30 -11.33
C THR A 272 10.16 -2.38 -10.95
N TYR A 273 10.64 -1.41 -10.18
CA TYR A 273 12.04 -1.39 -9.77
C TYR A 273 12.34 -2.52 -8.78
N PRO A 274 13.55 -3.06 -8.79
CA PRO A 274 13.97 -3.93 -7.70
C PRO A 274 14.03 -3.16 -6.39
N SER A 275 13.76 -3.85 -5.29
CA SER A 275 13.61 -3.13 -4.02
C SER A 275 14.90 -2.51 -3.48
N PRO A 276 16.10 -3.05 -3.76
CA PRO A 276 17.30 -2.28 -3.39
C PRO A 276 17.37 -0.90 -4.04
N LEU A 277 16.91 -0.77 -5.29
CA LEU A 277 16.86 0.56 -5.90
C LEU A 277 15.75 1.43 -5.30
N VAL A 278 14.63 0.82 -4.88
CA VAL A 278 13.57 1.57 -4.24
C VAL A 278 14.09 2.21 -2.94
N GLN A 279 14.88 1.46 -2.16
CA GLN A 279 15.47 1.98 -0.93
C GLN A 279 16.50 3.09 -1.20
N LYS A 280 17.28 2.96 -2.29
CA LYS A 280 18.19 4.04 -2.66
C LYS A 280 17.40 5.31 -2.96
N PHE A 281 16.34 5.18 -3.77
CA PHE A 281 15.51 6.34 -4.11
C PHE A 281 14.93 6.98 -2.86
N ALA A 282 14.45 6.17 -1.91
CA ALA A 282 13.89 6.70 -0.67
C ALA A 282 14.91 7.56 0.09
N GLU A 283 16.14 7.05 0.22
CA GLU A 283 17.18 7.83 0.90
C GLU A 283 17.45 9.15 0.19
N ASP A 284 17.56 9.12 -1.15
CA ASP A 284 17.83 10.34 -1.90
C ASP A 284 16.71 11.36 -1.80
N TRP A 285 15.46 10.94 -1.53
CA TRP A 285 14.34 11.87 -1.57
C TRP A 285 13.56 11.96 -0.26
N GLY A 286 14.13 11.48 0.84
CA GLY A 286 13.55 11.64 2.16
C GLY A 286 12.34 10.78 2.51
N PHE A 287 12.05 9.72 1.76
CA PHE A 287 11.04 8.78 2.21
C PHE A 287 11.59 7.87 3.30
N ARG A 288 10.72 7.47 4.23
CA ARG A 288 10.99 6.29 5.05
C ARG A 288 11.01 5.05 4.16
N LYS A 289 11.84 4.08 4.55
CA LYS A 289 12.11 2.86 3.81
C LYS A 289 11.22 1.69 4.23
N THR A 290 10.97 0.78 3.30
CA THR A 290 10.18 -0.43 3.53
C THR A 290 11.11 -1.62 3.68
N GLY A 291 11.04 -2.28 4.84
CA GLY A 291 11.87 -3.45 5.12
C GLY A 291 11.85 -4.53 4.06
N LEU A 292 13.01 -5.12 3.79
CA LEU A 292 13.13 -6.08 2.70
C LEU A 292 13.87 -7.33 3.17
N ILE A 293 13.39 -8.48 2.71
CA ILE A 293 14.05 -9.76 2.92
C ILE A 293 14.16 -10.44 1.58
N ILE A 294 15.34 -10.95 1.24
CA ILE A 294 15.55 -11.65 -0.01
C ILE A 294 15.79 -13.12 0.32
N ILE A 295 14.97 -13.98 -0.28
CA ILE A 295 15.03 -15.43 -0.06
C ILE A 295 14.99 -16.09 -1.41
N ASP A 296 15.97 -16.96 -1.69
CA ASP A 296 16.12 -17.53 -3.03
C ASP A 296 15.15 -18.68 -3.26
N ASN A 297 14.99 -19.56 -2.27
CA ASN A 297 14.23 -20.78 -2.45
C ASN A 297 12.77 -20.55 -2.06
N ILE A 298 11.86 -21.01 -2.91
CA ILE A 298 10.44 -20.79 -2.67
C ILE A 298 9.96 -21.56 -1.45
N ASP A 299 10.52 -22.75 -1.19
CA ASP A 299 10.13 -23.52 -0.01
C ASP A 299 10.53 -22.82 1.28
N ASP A 300 11.70 -22.16 1.30
CA ASP A 300 12.06 -21.34 2.45
C ASP A 300 11.09 -20.18 2.66
N VAL A 301 10.44 -19.72 1.59
CA VAL A 301 9.51 -18.60 1.69
C VAL A 301 8.26 -19.01 2.47
N LYS A 302 7.57 -20.06 2.00
CA LYS A 302 6.42 -20.58 2.73
C LYS A 302 6.79 -20.89 4.17
N ALA A 303 7.96 -21.49 4.38
CA ALA A 303 8.41 -21.80 5.73
C ALA A 303 8.52 -20.54 6.59
N PHE A 304 9.16 -19.50 6.05
CA PHE A 304 9.24 -18.23 6.78
C PHE A 304 7.86 -17.69 7.10
N LEU A 305 6.96 -17.69 6.10
CA LEU A 305 5.67 -17.05 6.27
C LEU A 305 4.80 -17.81 7.27
N GLU A 306 4.69 -19.13 7.12
CA GLU A 306 3.91 -19.91 8.07
C GLU A 306 4.49 -19.86 9.48
N GLU A 307 5.78 -19.55 9.64
CA GLU A 307 6.35 -19.37 10.96
C GLU A 307 5.97 -18.03 11.58
N VAL A 308 6.13 -16.95 10.81
CA VAL A 308 5.74 -15.64 11.32
C VAL A 308 4.25 -15.62 11.65
N ALA A 309 3.44 -16.40 10.93
CA ALA A 309 2.00 -16.37 11.15
C ALA A 309 1.64 -16.77 12.58
N GLU A 310 2.45 -17.61 13.23
CA GLU A 310 2.12 -18.05 14.57
C GLU A 310 2.10 -16.90 15.57
N THR A 311 2.99 -15.93 15.39
CA THR A 311 3.05 -14.80 16.31
C THR A 311 2.45 -13.52 15.74
N GLY A 312 2.44 -13.38 14.41
CA GLY A 312 2.07 -12.11 13.81
C GLY A 312 3.10 -11.03 14.05
N ALA A 313 4.30 -11.42 14.48
CA ALA A 313 5.37 -10.49 14.83
C ALA A 313 6.70 -11.03 14.28
N HIS A 314 7.61 -10.11 13.95
CA HIS A 314 8.94 -10.48 13.49
C HIS A 314 9.92 -9.37 13.84
N ASP A 315 11.11 -9.77 14.30
CA ASP A 315 12.19 -8.83 14.66
C ASP A 315 11.73 -7.86 15.75
N GLY A 316 10.91 -8.35 16.68
CA GLY A 316 10.40 -7.52 17.74
C GLY A 316 9.36 -6.51 17.33
N ARG A 317 8.73 -6.68 16.17
CA ARG A 317 7.79 -5.73 15.62
C ARG A 317 6.56 -6.46 15.12
N ASP A 318 5.39 -5.88 15.36
CA ASP A 318 4.17 -6.41 14.77
C ASP A 318 4.19 -6.17 13.26
N VAL A 319 3.99 -7.22 12.48
CA VAL A 319 3.84 -7.14 11.04
C VAL A 319 2.45 -7.63 10.68
N GLU A 320 1.83 -6.96 9.73
CA GLU A 320 0.48 -7.30 9.32
C GLU A 320 0.46 -8.21 8.10
N GLY A 321 1.51 -8.19 7.30
CA GLY A 321 1.59 -9.03 6.13
C GLY A 321 2.88 -8.77 5.37
N PHE A 322 3.04 -9.51 4.29
CA PHE A 322 4.13 -9.32 3.34
C PHE A 322 3.54 -9.27 1.94
N VAL A 323 4.17 -8.48 1.08
CA VAL A 323 3.95 -8.58 -0.36
C VAL A 323 5.18 -9.27 -0.90
N ILE A 324 4.98 -10.37 -1.62
CA ILE A 324 6.09 -11.13 -2.21
C ILE A 324 6.19 -10.80 -3.69
N ARG A 325 7.39 -10.43 -4.13
CA ARG A 325 7.63 -9.96 -5.48
C ARG A 325 8.59 -10.92 -6.18
N CYS A 326 8.24 -11.32 -7.40
CA CYS A 326 9.11 -12.25 -8.14
C CYS A 326 8.87 -12.07 -9.64
N LYS A 327 9.18 -13.13 -10.41
CA LYS A 327 9.02 -13.19 -11.87
C LYS A 327 8.09 -14.33 -12.24
N LYS A 328 7.25 -14.12 -13.26
CA LYS A 328 6.30 -15.13 -13.71
C LYS A 328 6.17 -15.05 -15.22
N SER A 329 5.85 -16.18 -15.85
CA SER A 329 5.56 -16.25 -17.28
C SER A 329 4.22 -16.93 -17.50
N THR A 330 3.76 -16.92 -18.76
CA THR A 330 2.52 -17.59 -19.14
C THR A 330 2.67 -19.10 -19.00
N ASN A 331 2.90 -19.80 -20.10
CA ASN A 331 3.21 -21.22 -19.99
C ASN A 331 4.67 -21.35 -19.56
N PRO A 332 4.96 -22.21 -18.57
CA PRO A 332 6.26 -22.15 -17.90
C PRO A 332 7.42 -22.52 -18.81
N GLY A 333 8.58 -21.92 -18.52
CA GLY A 333 9.81 -22.20 -19.25
C GLY A 333 9.86 -21.66 -20.66
N VAL A 334 8.80 -20.96 -21.11
CA VAL A 334 8.76 -20.32 -22.41
C VAL A 334 8.26 -18.91 -22.22
N GLY A 335 8.32 -18.11 -23.30
CA GLY A 335 7.95 -16.72 -23.23
C GLY A 335 8.88 -15.96 -22.30
N PRO A 336 8.61 -14.68 -22.09
CA PRO A 336 9.42 -13.89 -21.17
C PRO A 336 8.83 -13.85 -19.77
N TYR A 337 9.67 -13.41 -18.82
CA TYR A 337 9.32 -13.31 -17.41
C TYR A 337 8.93 -11.88 -17.04
N HIS A 338 7.83 -11.75 -16.31
CA HIS A 338 7.26 -10.45 -15.97
C HIS A 338 7.27 -10.27 -14.46
N ASP A 339 7.19 -9.03 -14.01
CA ASP A 339 7.05 -8.79 -12.58
C ASP A 339 5.66 -9.23 -12.12
N TRP A 340 5.60 -9.91 -10.98
CA TRP A 340 4.35 -10.46 -10.48
C TRP A 340 4.40 -10.47 -8.95
N PHE A 341 3.31 -10.06 -8.30
CA PHE A 341 3.23 -10.01 -6.84
C PHE A 341 2.17 -10.99 -6.33
N PHE A 342 2.31 -11.40 -5.07
CA PHE A 342 1.20 -11.91 -4.28
C PHE A 342 1.39 -11.45 -2.84
N LYS A 343 0.29 -11.40 -2.09
CA LYS A 343 0.34 -10.98 -0.70
C LYS A 343 0.04 -12.15 0.23
N TYR A 344 0.54 -12.03 1.46
CA TYR A 344 0.32 -13.03 2.51
C TYR A 344 -0.02 -12.22 3.77
N LYS A 345 -1.29 -12.26 4.18
CA LYS A 345 -1.75 -11.44 5.29
C LYS A 345 -2.02 -12.31 6.50
N PHE A 346 -1.47 -11.90 7.65
CA PHE A 346 -1.63 -12.67 8.88
C PHE A 346 -2.98 -12.36 9.52
N GLU A 347 -3.76 -13.41 9.78
CA GLU A 347 -5.10 -13.22 10.32
C GLU A 347 -5.09 -12.81 11.78
N GLU A 348 -4.23 -13.41 12.60
CA GLU A 348 -4.29 -13.04 14.01
C GLU A 348 -2.99 -12.35 14.42
N PRO A 349 -3.01 -11.55 15.49
CA PRO A 349 -4.14 -11.21 16.37
C PRO A 349 -5.03 -10.11 15.77
N TYR A 350 -4.89 -9.84 14.47
CA TYR A 350 -5.51 -8.66 13.87
C TYR A 350 -7.02 -8.78 13.71
N LEU A 351 -7.52 -9.96 13.36
CA LEU A 351 -8.97 -10.14 13.29
C LEU A 351 -9.64 -9.86 14.64
N MET A 352 -8.94 -10.15 15.73
CA MET A 352 -9.45 -9.82 17.06
C MET A 352 -9.43 -8.31 17.29
N TYR A 353 -8.36 -7.63 16.86
CA TYR A 353 -8.25 -6.18 17.02
C TYR A 353 -9.39 -5.46 16.32
N ARG A 354 -9.79 -5.94 15.14
CA ARG A 354 -10.93 -5.36 14.44
C ARG A 354 -12.22 -5.60 15.21
N GLN A 355 -12.35 -6.77 15.84
CA GLN A 355 -13.53 -7.03 16.65
C GLN A 355 -13.58 -6.09 17.85
N TRP A 356 -12.43 -5.84 18.47
CA TRP A 356 -12.36 -4.91 19.59
C TRP A 356 -12.73 -3.50 19.15
N ARG A 357 -12.19 -3.05 18.01
CA ARG A 357 -12.55 -1.75 17.47
C ARG A 357 -14.04 -1.65 17.23
N GLU A 358 -14.63 -2.67 16.60
CA GLU A 358 -16.06 -2.66 16.34
C GLU A 358 -16.88 -2.69 17.64
N CYS A 359 -16.41 -3.41 18.65
CA CYS A 359 -17.15 -3.46 19.92
C CYS A 359 -17.05 -2.15 20.68
N THR A 360 -15.88 -1.50 20.62
CA THR A 360 -15.71 -0.20 21.22
C THR A 360 -16.63 0.84 20.59
N LYS A 361 -16.84 0.75 19.27
CA LYS A 361 -17.80 1.64 18.62
C LYS A 361 -19.21 1.35 19.10
N ALA A 362 -19.50 0.10 19.46
CA ALA A 362 -20.82 -0.26 19.98
C ALA A 362 -21.07 0.35 21.35
N LEU A 363 -20.02 0.43 22.19
CA LEU A 363 -20.19 0.97 23.54
C LEU A 363 -20.61 2.44 23.49
N ILE A 364 -19.87 3.25 22.75
CA ILE A 364 -20.14 4.68 22.70
C ILE A 364 -21.40 5.02 21.91
N SER A 365 -21.91 4.09 21.11
CA SER A 365 -23.12 4.34 20.33
C SER A 365 -24.36 3.65 20.89
N GLY A 366 -24.26 3.03 22.07
CA GLY A 366 -25.42 2.43 22.72
C GLY A 366 -25.94 1.16 22.07
N LYS A 367 -25.07 0.35 21.51
CA LYS A 367 -25.46 -0.92 20.91
C LYS A 367 -24.81 -2.08 21.66
N GLN A 368 -25.42 -3.25 21.51
CA GLN A 368 -24.87 -4.47 22.08
C GLN A 368 -23.73 -4.97 21.20
N PRO A 369 -22.50 -5.05 21.71
CA PRO A 369 -21.38 -5.51 20.89
C PRO A 369 -21.57 -6.93 20.37
N LYS A 370 -21.06 -7.16 19.16
CA LYS A 370 -21.11 -8.47 18.50
C LYS A 370 -19.81 -9.19 18.79
N ILE A 371 -19.85 -10.12 19.75
CA ILE A 371 -18.68 -10.88 20.16
C ILE A 371 -18.81 -12.26 19.51
N LYS A 372 -18.16 -12.44 18.36
CA LYS A 372 -18.24 -13.67 17.58
C LYS A 372 -17.13 -14.66 17.94
N LYS A 373 -15.90 -14.19 18.15
CA LYS A 373 -14.80 -15.05 18.54
C LYS A 373 -14.04 -14.40 19.68
N HIS A 374 -13.09 -15.16 20.24
CA HIS A 374 -12.27 -14.70 21.36
C HIS A 374 -13.14 -14.17 22.49
N VAL A 375 -14.18 -14.94 22.82
CA VAL A 375 -15.26 -14.44 23.66
C VAL A 375 -14.73 -13.99 25.02
N LYS A 376 -14.01 -14.88 25.72
CA LYS A 376 -13.58 -14.58 27.08
C LYS A 376 -12.69 -13.33 27.13
N ILE A 377 -11.65 -13.28 26.31
CA ILE A 377 -10.74 -12.13 26.38
C ILE A 377 -11.44 -10.85 25.92
N THR A 378 -12.39 -10.94 24.99
CA THR A 378 -13.07 -9.74 24.53
C THR A 378 -13.98 -9.18 25.62
N GLU A 379 -14.69 -10.06 26.35
CA GLU A 379 -15.52 -9.61 27.46
C GLU A 379 -14.70 -8.87 28.52
N GLU A 380 -13.44 -9.27 28.72
CA GLU A 380 -12.60 -8.55 29.67
C GLU A 380 -12.16 -7.22 29.12
N TYR A 381 -11.86 -7.17 27.82
CA TYR A 381 -11.51 -5.91 27.17
C TYR A 381 -12.63 -4.89 27.30
N LEU A 382 -13.88 -5.32 27.12
CA LEU A 382 -15.01 -4.38 27.21
C LEU A 382 -15.20 -3.82 28.61
N LEU A 383 -14.95 -4.63 29.65
CA LEU A 383 -15.08 -4.11 31.01
C LEU A 383 -13.99 -3.09 31.29
N TYR A 384 -12.79 -3.32 30.76
CA TYR A 384 -11.74 -2.31 30.84
C TYR A 384 -12.15 -1.03 30.12
N ALA A 385 -12.75 -1.17 28.93
CA ALA A 385 -13.17 0.01 28.15
C ALA A 385 -14.27 0.78 28.88
N ARG A 386 -15.32 0.08 29.32
CA ARG A 386 -16.35 0.71 30.14
C ARG A 386 -15.75 1.40 31.35
N LYS A 387 -14.69 0.83 31.91
CA LYS A 387 -14.02 1.41 33.06
C LYS A 387 -13.28 2.69 32.68
N ARG A 388 -12.57 2.67 31.55
CA ARG A 388 -11.83 3.86 31.12
C ARG A 388 -12.77 5.03 30.78
N LEU A 389 -13.95 4.75 30.21
CA LEU A 389 -14.89 5.80 29.85
C LEU A 389 -15.58 6.41 31.06
N ALA A 390 -15.49 5.76 32.23
CA ALA A 390 -16.01 6.34 33.46
C ALA A 390 -15.05 7.35 34.07
N ALA A 391 -13.75 7.01 34.10
CA ALA A 391 -12.75 7.94 34.62
C ALA A 391 -12.67 9.19 33.76
N ASP A 392 -12.38 9.05 32.47
CA ASP A 392 -12.26 10.22 31.61
C ASP A 392 -13.38 10.23 30.58
N PRO A 393 -14.41 11.06 30.75
CA PRO A 393 -15.50 11.10 29.76
C PRO A 393 -15.09 11.69 28.42
N LYS A 394 -13.96 12.39 28.35
CA LYS A 394 -13.48 12.95 27.08
C LYS A 394 -13.09 11.87 26.09
N LEU A 395 -12.86 10.64 26.56
CA LEU A 395 -12.51 9.54 25.67
C LEU A 395 -13.65 9.21 24.72
N ALA A 396 -14.89 9.29 25.20
CA ALA A 396 -16.04 8.94 24.36
C ALA A 396 -16.07 9.78 23.09
N LYS A 397 -15.75 11.07 23.19
CA LYS A 397 -15.78 11.93 22.01
C LYS A 397 -14.62 11.62 21.07
N LEU A 398 -13.44 11.31 21.63
CA LEU A 398 -12.30 10.91 20.81
C LEU A 398 -12.56 9.59 20.09
N TYR A 399 -13.07 8.60 20.82
CA TYR A 399 -13.34 7.30 20.23
C TYR A 399 -14.43 7.38 19.16
N ASN A 400 -15.29 8.39 19.23
CA ASN A 400 -16.32 8.56 18.22
C ASN A 400 -15.80 9.26 16.98
N GLN A 401 -14.67 9.97 17.10
CA GLN A 401 -13.97 10.51 15.95
C GLN A 401 -12.94 9.53 15.39
N ASN A 402 -12.96 8.28 15.87
CA ASN A 402 -12.13 7.20 15.36
C ASN A 402 -10.65 7.34 15.76
N HIS A 403 -10.38 7.94 16.91
CA HIS A 403 -9.02 8.16 17.38
C HIS A 403 -8.84 7.64 18.80
N GLY A 404 -7.67 7.09 19.09
CA GLY A 404 -7.35 6.57 20.39
C GLY A 404 -7.73 5.13 20.64
N ILE A 405 -8.57 4.55 19.77
CA ILE A 405 -8.98 3.15 19.94
C ILE A 405 -7.76 2.22 19.94
N ILE A 406 -6.69 2.61 19.24
CA ILE A 406 -5.49 1.79 19.22
C ILE A 406 -4.69 1.95 20.52
N LYS A 407 -4.63 3.17 21.07
CA LYS A 407 -4.02 3.34 22.38
C LYS A 407 -4.81 2.58 23.45
N LEU A 408 -6.14 2.59 23.35
CA LEU A 408 -6.95 1.84 24.30
C LEU A 408 -6.59 0.36 24.28
N ARG A 409 -6.41 -0.19 23.08
CA ARG A 409 -6.08 -1.62 22.96
C ARG A 409 -4.75 -1.94 23.64
N ASN A 410 -3.70 -1.16 23.33
CA ASN A 410 -2.39 -1.43 23.92
C ASN A 410 -2.39 -1.20 25.43
N ASP A 411 -3.16 -0.23 25.91
CA ASP A 411 -3.25 0.00 27.34
C ASP A 411 -3.94 -1.15 28.06
N PHE A 412 -4.90 -1.80 27.39
CA PHE A 412 -5.51 -3.00 27.96
C PHE A 412 -4.52 -4.15 27.97
N LEU A 413 -3.74 -4.31 26.90
CA LEU A 413 -2.79 -5.40 26.84
C LEU A 413 -1.66 -5.20 27.84
N GLU A 414 -1.23 -3.96 28.05
CA GLU A 414 -0.27 -3.68 29.12
C GLU A 414 -0.87 -4.02 30.49
N TYR A 415 -2.14 -3.66 30.70
CA TYR A 415 -2.81 -3.92 31.98
C TYR A 415 -2.85 -5.40 32.32
N LYS A 416 -2.94 -6.26 31.31
CA LYS A 416 -2.98 -7.70 31.53
C LYS A 416 -1.61 -8.36 31.43
N ASN A 417 -0.56 -7.59 31.18
CA ASN A 417 0.79 -8.10 30.97
C ASN A 417 0.86 -9.06 29.80
N MET A 418 -0.10 -8.97 28.88
CA MET A 418 -0.20 -9.87 27.74
C MET A 418 0.27 -9.19 26.47
N LYS A 419 0.77 -9.99 25.54
CA LYS A 419 0.99 -9.53 24.17
C LYS A 419 -0.20 -9.93 23.31
N GLY A 420 -0.42 -9.15 22.25
CA GLY A 420 -1.58 -9.37 21.40
C GLY A 420 -1.70 -10.80 20.91
N THR A 421 -0.58 -11.44 20.61
CA THR A 421 -0.64 -12.81 20.12
C THR A 421 -1.06 -13.80 21.20
N ASP A 422 -0.80 -13.49 22.48
CA ASP A 422 -1.20 -14.39 23.55
C ASP A 422 -2.70 -14.36 23.81
N ALA A 423 -3.31 -13.16 23.75
CA ALA A 423 -4.75 -13.04 23.95
C ALA A 423 -5.55 -13.77 22.88
N ALA A 424 -4.97 -13.92 21.68
CA ALA A 424 -5.65 -14.62 20.59
C ALA A 424 -5.59 -16.13 20.74
N ASN A 425 -4.58 -16.65 21.43
CA ASN A 425 -4.42 -18.09 21.65
C ASN A 425 -5.10 -18.60 22.91
N LEU A 426 -5.81 -17.73 23.65
CA LEU A 426 -6.43 -18.16 24.88
C LEU A 426 -7.50 -19.22 24.63
N GLU A 427 -8.21 -19.11 23.50
CA GLU A 427 -9.22 -20.07 23.05
C GLU A 427 -10.10 -20.57 24.19
P AMP D . -4.43 -4.86 0.51
O1P AMP D . -5.20 -6.15 0.34
O2P AMP D . -3.61 -4.81 1.75
O3P AMP D . -5.13 -3.55 0.42
O5' AMP D . -3.57 -4.63 -0.82
C5' AMP D . -2.22 -4.20 -0.80
C4' AMP D . -2.06 -2.74 -0.43
O4' AMP D . -1.01 -2.67 0.54
C3' AMP D . -1.61 -1.81 -1.57
O3' AMP D . -2.70 -1.20 -2.24
C2' AMP D . -0.69 -0.79 -0.87
O2' AMP D . -1.44 0.40 -0.57
C1' AMP D . -0.31 -1.47 0.45
N9 AMP D . 1.11 -1.81 0.60
C8 AMP D . 1.78 -1.62 1.76
N7 AMP D . 3.05 -2.08 1.66
C5 AMP D . 3.21 -2.60 0.44
C6 AMP D . 4.30 -3.28 -0.28
N6 AMP D . 5.49 -3.44 0.32
N1 AMP D . 4.05 -3.70 -1.55
C2 AMP D . 2.87 -3.51 -2.15
N3 AMP D . 1.84 -2.92 -1.54
C4 AMP D . 1.93 -2.45 -0.27
#